data_6XYJ
#
_entry.id   6XYJ
#
_cell.length_a   76.811
_cell.length_b   112.616
_cell.length_c   78.054
_cell.angle_alpha   90.000
_cell.angle_beta   119.434
_cell.angle_gamma   90.000
#
_symmetry.space_group_name_H-M   'C 1 2 1'
#
loop_
_entity.id
_entity.type
_entity.pdbx_description
1 polymer 'RNA-binding protein Hfq'
2 water water
#
_entity_poly.entity_id   1
_entity_poly.type   'polypeptide(L)'
_entity_poly.pdbx_seq_one_letter_code
;MSKGHSLQDPYLNTLRKERVPVSIYLVNGIKLQGQIESFDQFVILLKNTAEEIQNGEVVRKVVSQMVYKHAISTVVPSRP
VRLPSGDQPAEPGNA
;
_entity_poly.pdbx_strand_id   AAA,BBB,CCC,DDD,EEE,FFF
#
# COMPACT_ATOMS: atom_id res chain seq x y z
N HIS A 5 -5.26 7.75 -18.85
CA HIS A 5 -6.18 8.48 -17.91
C HIS A 5 -7.33 9.11 -18.71
N SER A 6 -8.01 8.30 -19.53
CA SER A 6 -9.22 8.67 -20.32
C SER A 6 -10.23 9.37 -19.41
N LEU A 7 -10.36 8.98 -18.12
CA LEU A 7 -11.34 9.56 -17.16
C LEU A 7 -10.67 10.48 -16.13
N GLN A 8 -9.54 10.06 -15.55
CA GLN A 8 -8.93 10.74 -14.37
C GLN A 8 -8.49 12.16 -14.75
N ASP A 9 -7.81 12.30 -15.89
CA ASP A 9 -7.23 13.59 -16.34
C ASP A 9 -8.37 14.57 -16.57
N PRO A 10 -9.27 14.33 -17.56
CA PRO A 10 -10.43 15.20 -17.79
C PRO A 10 -11.08 15.69 -16.49
N TYR A 11 -11.38 14.77 -15.58
CA TYR A 11 -12.11 15.03 -14.31
C TYR A 11 -11.30 16.01 -13.45
N LEU A 12 -10.02 15.70 -13.24
CA LEU A 12 -9.11 16.55 -12.45
C LEU A 12 -8.99 17.92 -13.12
N ASN A 13 -8.78 17.92 -14.45
CA ASN A 13 -8.57 19.14 -15.27
C ASN A 13 -9.82 20.03 -15.16
N THR A 14 -11.00 19.42 -15.08
CA THR A 14 -12.29 20.12 -14.87
C THR A 14 -12.24 20.90 -13.56
N LEU A 15 -11.99 20.22 -12.44
CA LEU A 15 -12.15 20.80 -11.07
C LEU A 15 -11.10 21.88 -10.83
N ARG A 16 -9.96 21.84 -11.53
CA ARG A 16 -8.97 22.96 -11.46
C ARG A 16 -9.58 24.14 -12.21
N LYS A 17 -9.97 23.95 -13.47
CA LYS A 17 -10.57 24.99 -14.34
C LYS A 17 -11.70 25.68 -13.56
N GLU A 18 -12.74 24.95 -13.17
CA GLU A 18 -13.96 25.51 -12.51
C GLU A 18 -13.69 25.84 -11.04
N ARG A 19 -12.43 25.76 -10.59
CA ARG A 19 -12.00 26.05 -9.18
C ARG A 19 -13.03 25.44 -8.23
N VAL A 20 -13.23 24.13 -8.30
CA VAL A 20 -14.25 23.37 -7.52
C VAL A 20 -13.63 22.95 -6.20
N PRO A 21 -14.14 23.47 -5.05
CA PRO A 21 -13.75 22.97 -3.75
C PRO A 21 -13.88 21.44 -3.67
N VAL A 22 -12.80 20.73 -3.36
CA VAL A 22 -12.79 19.24 -3.23
C VAL A 22 -12.36 18.87 -1.81
N SER A 23 -13.02 17.86 -1.22
CA SER A 23 -12.44 17.01 -0.16
C SER A 23 -11.65 15.88 -0.83
N ILE A 24 -10.41 15.65 -0.38
CA ILE A 24 -9.57 14.47 -0.77
C ILE A 24 -9.41 13.60 0.48
N TYR A 25 -9.90 12.38 0.43
CA TYR A 25 -9.74 11.38 1.52
C TYR A 25 -8.52 10.53 1.22
N LEU A 26 -7.58 10.48 2.16
CA LEU A 26 -6.37 9.66 2.03
C LEU A 26 -6.68 8.23 2.52
N VAL A 27 -5.86 7.30 2.07
CA VAL A 27 -6.01 5.86 2.43
C VAL A 27 -6.05 5.72 3.95
N ASN A 28 -5.28 6.53 4.67
CA ASN A 28 -5.16 6.44 6.15
C ASN A 28 -6.29 7.21 6.84
N GLY A 29 -7.37 7.53 6.12
CA GLY A 29 -8.59 8.15 6.69
C GLY A 29 -8.51 9.68 6.73
N ILE A 30 -7.34 10.28 6.53
CA ILE A 30 -7.20 11.76 6.52
C ILE A 30 -8.10 12.30 5.40
N LYS A 31 -8.75 13.44 5.68
CA LYS A 31 -9.55 14.25 4.73
C LYS A 31 -8.90 15.62 4.58
N LEU A 32 -8.48 15.97 3.37
CA LEU A 32 -8.01 17.32 3.00
C LEU A 32 -9.11 18.01 2.18
N GLN A 33 -9.58 19.18 2.61
CA GLN A 33 -10.41 20.07 1.77
C GLN A 33 -9.47 21.08 1.12
N GLY A 34 -9.81 21.57 -0.06
CA GLY A 34 -9.00 22.54 -0.80
C GLY A 34 -9.41 22.61 -2.26
N GLN A 35 -8.73 23.42 -3.06
CA GLN A 35 -9.00 23.58 -4.50
C GLN A 35 -7.82 23.02 -5.28
N ILE A 36 -8.08 22.30 -6.34
CA ILE A 36 -6.98 21.65 -7.12
C ILE A 36 -6.28 22.71 -7.95
N GLU A 37 -5.23 23.30 -7.41
CA GLU A 37 -4.38 24.25 -8.18
C GLU A 37 -3.81 23.50 -9.39
N SER A 38 -3.07 22.41 -9.15
CA SER A 38 -2.39 21.64 -10.22
C SER A 38 -2.31 20.16 -9.87
N PHE A 39 -2.01 19.35 -10.88
CA PHE A 39 -1.80 17.90 -10.74
C PHE A 39 -0.95 17.43 -11.92
N ASP A 40 -0.32 16.26 -11.78
CA ASP A 40 0.30 15.54 -12.92
C ASP A 40 -0.05 14.06 -12.78
N GLN A 41 0.79 13.18 -13.34
CA GLN A 41 0.52 11.73 -13.38
C GLN A 41 0.44 11.15 -11.96
N PHE A 42 1.24 11.62 -11.00
CA PHE A 42 1.35 10.98 -9.65
C PHE A 42 1.01 11.93 -8.49
N VAL A 43 0.93 13.25 -8.72
CA VAL A 43 0.77 14.22 -7.60
C VAL A 43 -0.38 15.18 -7.88
N ILE A 44 -0.83 15.82 -6.80
CA ILE A 44 -1.92 16.82 -6.80
C ILE A 44 -1.50 17.96 -5.88
N LEU A 45 -1.36 19.16 -6.45
CA LEU A 45 -1.11 20.40 -5.66
C LEU A 45 -2.45 20.90 -5.14
N LEU A 46 -2.78 20.66 -3.87
CA LEU A 46 -4.04 21.09 -3.23
C LEU A 46 -3.80 22.39 -2.46
N LYS A 47 -4.35 23.49 -2.96
CA LYS A 47 -4.45 24.81 -2.27
C LYS A 47 -5.59 24.77 -1.25
N ASN A 48 -5.31 25.13 0.00
CA ASN A 48 -6.34 25.24 1.07
C ASN A 48 -6.40 26.70 1.51
N THR A 49 -7.56 27.34 1.36
CA THR A 49 -7.85 28.70 1.89
C THR A 49 -8.51 28.52 3.27
N ALA A 50 -7.71 28.38 4.32
CA ALA A 50 -8.17 28.01 5.69
C ALA A 50 -7.98 29.18 6.67
N GLU A 51 -9.07 29.59 7.34
CA GLU A 51 -9.05 30.49 8.52
C GLU A 51 -8.58 29.67 9.72
N GLU A 52 -8.04 30.35 10.74
CA GLU A 52 -7.64 29.75 12.05
C GLU A 52 -7.45 30.91 13.05
N ILE A 53 -7.26 30.59 14.33
CA ILE A 53 -7.01 31.59 15.42
C ILE A 53 -5.60 31.38 15.99
N GLN A 54 -4.88 32.49 16.22
CA GLN A 54 -3.58 32.54 16.95
C GLN A 54 -3.74 33.51 18.14
N ASN A 55 -3.90 32.98 19.35
CA ASN A 55 -3.94 33.77 20.62
C ASN A 55 -5.00 34.89 20.51
N GLY A 56 -6.24 34.54 20.14
CA GLY A 56 -7.39 35.46 20.11
C GLY A 56 -7.36 36.42 18.92
N GLU A 57 -6.62 36.07 17.86
CA GLU A 57 -6.63 36.78 16.54
C GLU A 57 -6.90 35.78 15.41
N VAL A 58 -7.97 36.02 14.66
CA VAL A 58 -8.29 35.34 13.37
C VAL A 58 -7.10 35.53 12.42
N VAL A 59 -6.51 34.44 11.92
CA VAL A 59 -5.30 34.43 11.03
C VAL A 59 -5.55 33.45 9.87
N ARG A 60 -5.63 33.96 8.64
CA ARG A 60 -6.01 33.18 7.43
C ARG A 60 -4.76 32.83 6.64
N LYS A 61 -4.36 31.56 6.62
CA LYS A 61 -3.21 31.06 5.81
C LYS A 61 -3.73 30.61 4.43
N VAL A 62 -2.84 30.53 3.45
CA VAL A 62 -3.07 29.86 2.14
C VAL A 62 -1.88 28.93 1.87
N VAL A 63 -2.11 27.62 2.07
CA VAL A 63 -1.08 26.54 2.07
C VAL A 63 -1.28 25.70 0.80
N SER A 64 -0.20 25.46 0.07
CA SER A 64 -0.17 24.59 -1.15
C SER A 64 0.63 23.33 -0.85
N GLN A 65 -0.05 22.25 -0.46
CA GLN A 65 0.59 20.93 -0.19
C GLN A 65 0.47 20.04 -1.45
N MET A 66 1.59 19.43 -1.83
CA MET A 66 1.67 18.40 -2.91
C MET A 66 1.30 17.04 -2.31
N VAL A 67 0.21 16.44 -2.80
CA VAL A 67 -0.35 15.12 -2.38
C VAL A 67 -0.05 14.07 -3.46
N TYR A 68 0.56 12.96 -3.07
CA TYR A 68 0.80 11.76 -3.92
C TYR A 68 -0.53 11.03 -4.14
N LYS A 69 -0.90 10.78 -5.40
CA LYS A 69 -2.17 10.10 -5.71
C LYS A 69 -2.22 8.80 -4.89
N HIS A 70 -1.10 8.08 -4.77
CA HIS A 70 -1.05 6.75 -4.11
C HIS A 70 -1.44 6.82 -2.63
N ALA A 71 -1.69 8.01 -2.07
CA ALA A 71 -2.21 8.16 -0.68
C ALA A 71 -3.71 8.47 -0.69
N ILE A 72 -4.25 8.85 -1.85
CA ILE A 72 -5.68 9.23 -2.02
C ILE A 72 -6.48 7.95 -2.21
N SER A 73 -7.57 7.80 -1.46
CA SER A 73 -8.63 6.79 -1.68
C SER A 73 -9.65 7.35 -2.68
N THR A 74 -10.28 8.47 -2.31
CA THR A 74 -11.40 9.09 -3.07
C THR A 74 -11.23 10.61 -3.08
N VAL A 75 -11.50 11.26 -4.21
CA VAL A 75 -11.71 12.74 -4.29
C VAL A 75 -13.20 13.03 -4.52
N VAL A 76 -13.80 13.78 -3.58
CA VAL A 76 -15.27 14.10 -3.50
C VAL A 76 -15.45 15.59 -3.69
N PRO A 77 -15.80 16.06 -4.91
CA PRO A 77 -16.07 17.49 -5.12
C PRO A 77 -17.35 17.93 -4.42
N SER A 78 -17.48 19.25 -4.19
CA SER A 78 -18.57 19.90 -3.41
C SER A 78 -19.82 20.00 -4.28
N ARG A 79 -19.65 20.16 -5.59
CA ARG A 79 -20.75 20.28 -6.57
C ARG A 79 -20.61 19.15 -7.59
N PRO A 80 -21.72 18.53 -8.04
CA PRO A 80 -21.65 17.51 -9.08
C PRO A 80 -21.14 18.29 -10.30
N VAL A 81 -20.23 17.69 -11.05
CA VAL A 81 -19.71 18.31 -12.30
C VAL A 81 -19.64 17.21 -13.35
N ARG A 82 -19.55 17.60 -14.62
CA ARG A 82 -19.29 16.61 -15.69
C ARG A 82 -18.36 17.19 -16.74
N LEU A 83 -17.85 16.27 -17.54
CA LEU A 83 -16.83 16.48 -18.59
C LEU A 83 -17.36 15.81 -19.85
N PRO A 84 -16.74 16.11 -21.00
CA PRO A 84 -17.06 15.41 -22.25
C PRO A 84 -16.82 13.90 -22.15
N LYS B 3 -5.38 -14.84 -19.31
CA LYS B 3 -6.34 -14.25 -18.33
C LYS B 3 -5.69 -13.02 -17.69
N GLY B 4 -5.36 -12.01 -18.51
CA GLY B 4 -4.77 -10.73 -18.08
C GLY B 4 -5.61 -9.54 -18.48
N HIS B 5 -6.29 -8.92 -17.51
CA HIS B 5 -7.12 -7.68 -17.62
C HIS B 5 -8.44 -7.90 -18.37
N SER B 6 -8.74 -9.12 -18.83
CA SER B 6 -10.05 -9.45 -19.47
C SER B 6 -11.17 -9.27 -18.45
N LEU B 7 -10.96 -9.64 -17.19
CA LEU B 7 -12.05 -9.68 -16.19
C LEU B 7 -12.42 -8.28 -15.67
N GLN B 8 -11.45 -7.40 -15.44
CA GLN B 8 -11.68 -6.13 -14.68
C GLN B 8 -12.71 -5.26 -15.42
N ASP B 9 -12.47 -4.95 -16.69
CA ASP B 9 -13.38 -4.09 -17.50
C ASP B 9 -14.73 -4.81 -17.62
N PRO B 10 -14.83 -5.95 -18.32
CA PRO B 10 -16.12 -6.59 -18.54
C PRO B 10 -17.00 -6.54 -17.29
N TYR B 11 -16.44 -6.92 -16.14
CA TYR B 11 -17.18 -6.95 -14.85
C TYR B 11 -17.65 -5.54 -14.55
N LEU B 12 -16.71 -4.60 -14.47
CA LEU B 12 -17.03 -3.16 -14.27
C LEU B 12 -17.94 -2.70 -15.41
N ASN B 13 -17.59 -3.06 -16.64
CA ASN B 13 -18.19 -2.49 -17.87
C ASN B 13 -19.66 -2.88 -17.95
N THR B 14 -20.02 -4.06 -17.44
CA THR B 14 -21.44 -4.53 -17.40
C THR B 14 -22.08 -4.01 -16.11
N LEU B 15 -21.30 -3.80 -15.04
CA LEU B 15 -21.80 -3.14 -13.80
C LEU B 15 -22.25 -1.70 -14.10
N ARG B 16 -21.44 -0.95 -14.86
CA ARG B 16 -21.74 0.43 -15.31
C ARG B 16 -22.96 0.40 -16.25
N LYS B 17 -22.82 -0.26 -17.40
CA LYS B 17 -23.79 -0.28 -18.53
C LYS B 17 -25.20 -0.65 -18.03
N GLU B 18 -25.30 -1.55 -17.05
CA GLU B 18 -26.57 -2.06 -16.51
C GLU B 18 -26.89 -1.39 -15.16
N ARG B 19 -26.36 -0.19 -14.93
CA ARG B 19 -26.70 0.68 -13.77
C ARG B 19 -26.97 -0.18 -12.53
N VAL B 20 -26.13 -1.20 -12.28
CA VAL B 20 -26.22 -2.11 -11.09
C VAL B 20 -25.70 -1.36 -9.87
N PRO B 21 -26.45 -1.31 -8.75
CA PRO B 21 -25.91 -0.75 -7.51
C PRO B 21 -24.71 -1.58 -7.03
N VAL B 22 -23.62 -0.92 -6.63
CA VAL B 22 -22.38 -1.61 -6.16
C VAL B 22 -21.98 -1.06 -4.78
N SER B 23 -21.47 -1.94 -3.91
CA SER B 23 -20.71 -1.60 -2.68
C SER B 23 -19.19 -1.66 -2.98
N ILE B 24 -18.45 -0.59 -2.65
CA ILE B 24 -16.98 -0.53 -2.85
C ILE B 24 -16.33 -0.40 -1.47
N TYR B 25 -15.62 -1.46 -1.08
CA TYR B 25 -14.89 -1.60 0.20
C TYR B 25 -13.44 -1.15 -0.01
N LEU B 26 -13.07 -0.02 0.59
CA LEU B 26 -11.69 0.54 0.57
C LEU B 26 -10.82 -0.29 1.50
N VAL B 27 -9.51 -0.33 1.26
CA VAL B 27 -8.59 -1.17 2.06
C VAL B 27 -8.72 -0.70 3.51
N ASN B 28 -9.00 0.59 3.73
CA ASN B 28 -9.01 1.20 5.08
C ASN B 28 -10.29 0.81 5.83
N GLY B 29 -11.18 0.05 5.18
CA GLY B 29 -12.43 -0.43 5.80
C GLY B 29 -13.62 0.46 5.55
N ILE B 30 -13.47 1.57 4.81
CA ILE B 30 -14.62 2.42 4.38
C ILE B 30 -15.44 1.63 3.35
N LYS B 31 -16.78 1.61 3.50
CA LYS B 31 -17.73 1.08 2.49
C LYS B 31 -18.30 2.29 1.73
N LEU B 32 -18.24 2.24 0.40
CA LEU B 32 -18.81 3.27 -0.50
C LEU B 32 -19.89 2.58 -1.32
N GLN B 33 -21.11 3.13 -1.32
CA GLN B 33 -22.26 2.61 -2.13
C GLN B 33 -22.51 3.57 -3.29
N GLY B 34 -22.94 3.03 -4.43
CA GLY B 34 -23.34 3.84 -5.60
C GLY B 34 -23.44 3.02 -6.86
N GLN B 35 -23.61 3.70 -8.00
CA GLN B 35 -23.58 3.10 -9.36
C GLN B 35 -22.29 3.59 -10.03
N ILE B 36 -21.61 2.73 -10.78
CA ILE B 36 -20.40 3.11 -11.56
C ILE B 36 -20.85 3.93 -12.77
N GLU B 37 -20.44 5.20 -12.84
CA GLU B 37 -20.77 6.09 -13.97
C GLU B 37 -19.77 5.82 -15.10
N SER B 38 -18.49 5.80 -14.77
CA SER B 38 -17.42 5.37 -15.70
C SER B 38 -16.19 4.95 -14.90
N PHE B 39 -15.16 4.48 -15.60
CA PHE B 39 -13.85 4.08 -15.02
C PHE B 39 -12.80 4.15 -16.13
N ASP B 40 -11.56 4.41 -15.76
CA ASP B 40 -10.38 4.24 -16.63
C ASP B 40 -9.54 3.12 -16.03
N GLN B 41 -8.22 3.14 -16.27
CA GLN B 41 -7.30 2.03 -15.87
C GLN B 41 -7.10 2.09 -14.35
N PHE B 42 -7.21 3.29 -13.75
CA PHE B 42 -6.73 3.62 -12.38
C PHE B 42 -7.85 4.19 -11.47
N VAL B 43 -8.95 4.73 -12.02
CA VAL B 43 -10.10 5.20 -11.19
C VAL B 43 -11.43 4.65 -11.72
N ILE B 44 -12.39 4.49 -10.82
CA ILE B 44 -13.83 4.31 -11.17
C ILE B 44 -14.57 5.57 -10.69
N LEU B 45 -15.51 6.10 -11.48
CA LEU B 45 -16.33 7.29 -11.09
C LEU B 45 -17.68 6.82 -10.54
N LEU B 46 -17.86 6.94 -9.22
CA LEU B 46 -19.01 6.42 -8.45
C LEU B 46 -20.02 7.55 -8.19
N LYS B 47 -21.20 7.46 -8.81
CA LYS B 47 -22.33 8.36 -8.48
C LYS B 47 -23.28 7.63 -7.54
N ASN B 48 -23.81 8.38 -6.59
CA ASN B 48 -24.90 7.97 -5.66
C ASN B 48 -25.74 9.21 -5.43
N THR B 49 -26.88 9.08 -4.76
CA THR B 49 -27.69 10.22 -4.31
C THR B 49 -27.65 10.21 -2.78
N ALA B 50 -27.15 11.31 -2.20
CA ALA B 50 -27.12 11.58 -0.74
C ALA B 50 -28.41 12.31 -0.33
N GLU B 51 -28.89 12.04 0.88
CA GLU B 51 -30.12 12.66 1.46
C GLU B 51 -29.79 13.24 2.82
N GLU B 52 -29.75 14.57 2.93
CA GLU B 52 -29.53 15.29 4.21
C GLU B 52 -30.83 15.97 4.62
N ILE B 53 -30.84 16.56 5.82
CA ILE B 53 -31.96 17.39 6.34
C ILE B 53 -31.46 18.82 6.48
N GLN B 54 -32.11 19.77 5.80
CA GLN B 54 -31.83 21.23 5.88
C GLN B 54 -33.12 21.95 6.28
N ASN B 55 -33.17 22.49 7.50
CA ASN B 55 -34.29 23.32 8.03
C ASN B 55 -35.57 22.45 8.10
N GLY B 56 -35.43 21.17 8.42
CA GLY B 56 -36.55 20.23 8.61
C GLY B 56 -37.34 19.97 7.33
N GLU B 57 -36.65 19.80 6.20
CA GLU B 57 -37.23 19.23 4.95
C GLU B 57 -36.14 18.43 4.21
N VAL B 58 -36.54 17.32 3.58
CA VAL B 58 -35.63 16.37 2.87
C VAL B 58 -34.94 17.11 1.74
N VAL B 59 -33.65 16.85 1.53
CA VAL B 59 -32.87 17.39 0.38
C VAL B 59 -32.06 16.25 -0.22
N ARG B 60 -32.39 15.87 -1.46
CA ARG B 60 -31.59 14.95 -2.30
C ARG B 60 -30.45 15.75 -2.93
N LYS B 61 -29.22 15.22 -2.90
CA LYS B 61 -28.08 15.73 -3.70
C LYS B 61 -27.45 14.56 -4.46
N VAL B 62 -27.05 14.78 -5.72
CA VAL B 62 -26.15 13.86 -6.48
C VAL B 62 -24.71 14.05 -5.97
N VAL B 63 -24.09 12.98 -5.49
CA VAL B 63 -22.66 12.92 -5.08
C VAL B 63 -21.92 12.04 -6.09
N SER B 64 -20.87 12.59 -6.72
CA SER B 64 -20.01 11.88 -7.69
C SER B 64 -18.55 12.01 -7.24
N GLN B 65 -17.94 10.90 -6.81
CA GLN B 65 -16.55 10.83 -6.28
C GLN B 65 -15.68 9.91 -7.15
N MET B 66 -14.47 10.36 -7.43
CA MET B 66 -13.42 9.58 -8.15
C MET B 66 -12.69 8.74 -7.11
N VAL B 67 -12.89 7.42 -7.15
CA VAL B 67 -12.14 6.43 -6.30
C VAL B 67 -10.94 5.93 -7.09
N TYR B 68 -9.79 5.84 -6.44
CA TYR B 68 -8.57 5.16 -6.96
C TYR B 68 -8.71 3.66 -6.71
N LYS B 69 -8.48 2.85 -7.74
CA LYS B 69 -8.57 1.37 -7.64
C LYS B 69 -7.56 0.90 -6.59
N HIS B 70 -6.40 1.56 -6.48
CA HIS B 70 -5.32 1.17 -5.55
C HIS B 70 -5.77 1.32 -4.08
N ALA B 71 -6.93 1.94 -3.84
CA ALA B 71 -7.50 2.09 -2.49
C ALA B 71 -8.69 1.17 -2.33
N ILE B 72 -9.14 0.54 -3.42
CA ILE B 72 -10.26 -0.45 -3.41
C ILE B 72 -9.69 -1.80 -3.03
N SER B 73 -10.35 -2.49 -2.10
CA SER B 73 -10.10 -3.91 -1.71
C SER B 73 -11.01 -4.83 -2.55
N THR B 74 -12.31 -4.51 -2.60
CA THR B 74 -13.35 -5.38 -3.19
C THR B 74 -14.57 -4.53 -3.59
N VAL B 75 -15.31 -4.99 -4.61
CA VAL B 75 -16.52 -4.31 -5.17
C VAL B 75 -17.62 -5.35 -5.35
N VAL B 76 -18.68 -5.25 -4.53
CA VAL B 76 -19.76 -6.28 -4.39
C VAL B 76 -21.07 -5.68 -4.89
N PRO B 77 -21.55 -6.11 -6.07
CA PRO B 77 -22.86 -5.67 -6.59
C PRO B 77 -24.00 -6.12 -5.67
N SER B 78 -25.13 -5.40 -5.73
CA SER B 78 -26.32 -5.64 -4.88
C SER B 78 -27.10 -6.84 -5.42
N ARG B 79 -26.77 -7.28 -6.65
CA ARG B 79 -27.42 -8.43 -7.33
C ARG B 79 -26.42 -9.09 -8.27
N PRO B 80 -26.45 -10.44 -8.40
CA PRO B 80 -25.60 -11.15 -9.35
C PRO B 80 -25.60 -10.54 -10.76
N VAL B 81 -24.42 -10.49 -11.38
CA VAL B 81 -24.20 -10.06 -12.79
C VAL B 81 -23.40 -11.17 -13.49
N ARG B 82 -23.36 -11.18 -14.81
CA ARG B 82 -22.35 -11.94 -15.59
C ARG B 82 -21.94 -11.15 -16.84
N LEU B 83 -20.78 -11.48 -17.41
CA LEU B 83 -20.07 -10.72 -18.47
C LEU B 83 -20.31 -11.39 -19.83
N PRO B 84 -19.81 -10.81 -20.94
CA PRO B 84 -19.73 -11.52 -22.22
C PRO B 84 -18.98 -12.86 -22.14
N SER C 6 18.97 6.48 -9.40
CA SER C 6 20.07 7.47 -9.67
C SER C 6 20.54 8.15 -8.39
N LEU C 7 19.64 8.48 -7.44
CA LEU C 7 20.01 8.87 -6.05
C LEU C 7 19.98 7.63 -5.13
N GLN C 8 18.96 6.78 -5.27
CA GLN C 8 18.71 5.62 -4.37
C GLN C 8 19.93 4.70 -4.38
N ASP C 9 20.27 4.13 -5.54
CA ASP C 9 21.38 3.16 -5.70
C ASP C 9 22.63 3.67 -5.01
N PRO C 10 23.16 4.86 -5.36
CA PRO C 10 24.39 5.35 -4.74
C PRO C 10 24.19 5.39 -3.22
N TYR C 11 23.21 6.16 -2.72
CA TYR C 11 22.95 6.27 -1.26
C TYR C 11 23.07 4.88 -0.65
N LEU C 12 22.38 3.91 -1.23
CA LEU C 12 22.43 2.51 -0.75
C LEU C 12 23.85 1.99 -0.90
N ASN C 13 24.34 1.96 -2.14
CA ASN C 13 25.65 1.35 -2.54
C ASN C 13 26.76 1.96 -1.67
N THR C 14 26.70 3.26 -1.40
CA THR C 14 27.56 3.95 -0.41
C THR C 14 27.47 3.18 0.91
N LEU C 15 26.29 3.16 1.54
CA LEU C 15 26.07 2.54 2.89
C LEU C 15 26.57 1.08 2.90
N ARG C 16 26.40 0.37 1.78
CA ARG C 16 26.79 -1.05 1.58
C ARG C 16 28.31 -1.16 1.71
N LYS C 17 29.06 -0.53 0.79
CA LYS C 17 30.55 -0.60 0.69
C LYS C 17 31.18 -0.01 1.97
N GLU C 18 30.71 1.17 2.42
CA GLU C 18 31.11 1.83 3.69
C GLU C 18 30.58 1.06 4.92
N ARG C 19 29.72 0.07 4.70
CA ARG C 19 29.13 -0.83 5.74
C ARG C 19 28.77 -0.03 6.99
N VAL C 20 28.07 1.09 6.82
CA VAL C 20 27.58 1.92 7.96
C VAL C 20 26.29 1.30 8.47
N PRO C 21 26.13 1.15 9.81
CA PRO C 21 24.88 0.69 10.39
C PRO C 21 23.72 1.66 10.06
N VAL C 22 22.59 1.12 9.58
CA VAL C 22 21.38 1.90 9.18
C VAL C 22 20.18 1.46 10.02
N SER C 23 19.34 2.43 10.37
CA SER C 23 17.99 2.22 10.96
C SER C 23 16.94 2.39 9.85
N ILE C 24 16.28 1.32 9.42
CA ILE C 24 15.27 1.38 8.32
C ILE C 24 13.89 1.15 8.94
N TYR C 25 13.09 2.21 8.95
CA TYR C 25 11.72 2.27 9.52
C TYR C 25 10.77 1.73 8.46
N LEU C 26 9.92 0.78 8.84
CA LEU C 26 8.89 0.21 7.95
C LEU C 26 7.61 1.03 8.13
N VAL C 27 6.64 0.77 7.25
CA VAL C 27 5.39 1.57 7.20
C VAL C 27 4.61 1.31 8.48
N ASN C 28 4.68 0.08 9.00
CA ASN C 28 3.91 -0.37 10.18
C ASN C 28 4.53 0.17 11.47
N GLY C 29 5.67 0.85 11.37
CA GLY C 29 6.41 1.44 12.50
C GLY C 29 7.59 0.58 12.96
N ILE C 30 7.68 -0.66 12.48
CA ILE C 30 8.78 -1.57 12.90
C ILE C 30 10.09 -0.88 12.53
N LYS C 31 11.03 -0.80 13.48
CA LYS C 31 12.37 -0.22 13.23
C LYS C 31 13.39 -1.35 13.14
N LEU C 32 13.96 -1.54 11.96
CA LEU C 32 15.01 -2.55 11.71
C LEU C 32 16.36 -1.85 11.64
N GLN C 33 17.34 -2.41 12.35
CA GLN C 33 18.72 -1.88 12.39
C GLN C 33 19.63 -2.99 11.87
N GLY C 34 20.73 -2.59 11.27
CA GLY C 34 21.73 -3.54 10.76
C GLY C 34 22.61 -2.88 9.74
N GLN C 35 23.24 -3.71 8.91
CA GLN C 35 24.17 -3.29 7.83
C GLN C 35 23.61 -3.80 6.52
N ILE C 36 23.71 -2.99 5.48
CA ILE C 36 23.22 -3.41 4.14
C ILE C 36 24.28 -4.33 3.55
N GLU C 37 24.09 -5.63 3.69
CA GLU C 37 24.95 -6.64 3.02
C GLU C 37 24.89 -6.39 1.50
N SER C 38 23.67 -6.35 0.96
CA SER C 38 23.40 -6.24 -0.49
C SER C 38 21.99 -5.69 -0.73
N PHE C 39 21.77 -5.07 -1.88
CA PHE C 39 20.45 -4.54 -2.28
C PHE C 39 20.18 -4.88 -3.74
N ASP C 40 18.91 -4.73 -4.08
CA ASP C 40 18.30 -5.15 -5.36
C ASP C 40 17.45 -3.98 -5.84
N GLN C 41 16.79 -4.12 -6.98
CA GLN C 41 15.84 -3.11 -7.47
C GLN C 41 14.66 -3.00 -6.48
N PHE C 42 14.17 -4.11 -5.93
CA PHE C 42 12.94 -4.14 -5.09
C PHE C 42 13.23 -4.59 -3.65
N VAL C 43 14.43 -5.08 -3.33
CA VAL C 43 14.73 -5.54 -1.94
C VAL C 43 16.12 -5.10 -1.47
N ILE C 44 16.24 -5.01 -0.15
CA ILE C 44 17.51 -4.75 0.57
C ILE C 44 17.78 -5.96 1.45
N LEU C 45 18.94 -6.59 1.28
CA LEU C 45 19.36 -7.62 2.26
C LEU C 45 20.04 -6.90 3.42
N LEU C 46 19.43 -6.97 4.61
CA LEU C 46 19.98 -6.33 5.83
C LEU C 46 20.61 -7.41 6.71
N LYS C 47 21.86 -7.19 7.08
CA LYS C 47 22.63 -8.05 8.01
C LYS C 47 22.69 -7.40 9.39
N ASN C 48 22.52 -8.23 10.42
CA ASN C 48 22.57 -7.80 11.83
C ASN C 48 23.05 -9.01 12.64
N THR C 49 23.73 -8.75 13.75
CA THR C 49 24.16 -9.78 14.71
C THR C 49 23.29 -9.63 15.96
N ALA C 50 22.30 -10.50 16.13
CA ALA C 50 21.38 -10.48 17.29
C ALA C 50 22.11 -11.01 18.53
N GLU C 51 21.68 -10.58 19.72
CA GLU C 51 22.21 -11.02 21.02
C GLU C 51 21.10 -11.77 21.78
N GLU C 52 21.40 -12.97 22.23
CA GLU C 52 20.45 -13.87 22.92
C GLU C 52 21.06 -14.28 24.27
N ILE C 53 20.19 -14.55 25.24
CA ILE C 53 20.56 -15.01 26.60
C ILE C 53 20.14 -16.47 26.69
N GLN C 54 21.09 -17.38 26.80
CA GLN C 54 20.80 -18.83 26.97
C GLN C 54 21.78 -19.40 28.00
N ASN C 55 21.26 -19.96 29.08
CA ASN C 55 22.07 -20.55 30.19
C ASN C 55 23.05 -19.49 30.71
N GLY C 56 22.52 -18.32 31.08
CA GLY C 56 23.29 -17.28 31.79
C GLY C 56 24.03 -16.35 30.83
N GLU C 57 24.97 -16.88 30.03
CA GLU C 57 25.87 -16.00 29.22
C GLU C 57 25.19 -15.63 27.91
N VAL C 58 25.50 -14.41 27.44
CA VAL C 58 25.08 -13.83 26.14
C VAL C 58 25.69 -14.65 25.01
N VAL C 59 24.85 -15.07 24.07
CA VAL C 59 25.24 -15.77 22.81
C VAL C 59 24.71 -14.95 21.65
N ARG C 60 25.50 -14.83 20.60
CA ARG C 60 25.17 -13.98 19.42
C ARG C 60 25.20 -14.86 18.19
N LYS C 61 24.45 -14.45 17.15
CA LYS C 61 24.60 -15.02 15.80
C LYS C 61 24.11 -14.00 14.79
N VAL C 62 24.43 -14.24 13.51
CA VAL C 62 24.13 -13.37 12.35
C VAL C 62 22.73 -13.69 11.82
N VAL C 63 21.86 -12.68 11.81
CA VAL C 63 20.51 -12.75 11.18
C VAL C 63 20.57 -11.96 9.87
N SER C 64 20.07 -12.55 8.78
CA SER C 64 19.99 -11.89 7.46
C SER C 64 18.52 -11.77 7.08
N GLN C 65 18.07 -10.54 6.86
CA GLN C 65 16.67 -10.23 6.48
C GLN C 65 16.66 -9.70 5.05
N MET C 66 15.89 -10.34 4.17
CA MET C 66 15.52 -9.73 2.88
C MET C 66 14.33 -8.82 3.15
N VAL C 67 14.51 -7.52 2.94
CA VAL C 67 13.48 -6.48 3.19
C VAL C 67 12.98 -5.98 1.85
N TYR C 68 11.67 -6.05 1.65
CA TYR C 68 10.98 -5.47 0.49
C TYR C 68 11.00 -3.95 0.62
N LYS C 69 11.48 -3.28 -0.44
CA LYS C 69 11.61 -1.81 -0.46
C LYS C 69 10.24 -1.19 -0.18
N HIS C 70 9.17 -1.78 -0.72
CA HIS C 70 7.80 -1.20 -0.70
C HIS C 70 7.21 -1.19 0.71
N ALA C 71 7.78 -1.90 1.67
CA ALA C 71 7.30 -1.88 3.07
C ALA C 71 8.15 -0.89 3.90
N ILE C 72 9.17 -0.29 3.27
CA ILE C 72 10.08 0.68 3.94
C ILE C 72 9.53 2.09 3.74
N SER C 73 9.47 2.86 4.82
CA SER C 73 9.15 4.30 4.77
C SER C 73 10.45 5.10 4.62
N THR C 74 11.35 4.98 5.58
CA THR C 74 12.55 5.84 5.68
C THR C 74 13.74 4.95 6.07
N VAL C 75 14.95 5.40 5.72
CA VAL C 75 16.24 4.76 6.09
C VAL C 75 17.14 5.83 6.70
N VAL C 76 17.42 5.69 8.00
CA VAL C 76 18.23 6.64 8.82
C VAL C 76 19.57 5.99 9.13
N PRO C 77 20.67 6.37 8.44
CA PRO C 77 21.99 5.86 8.78
C PRO C 77 22.43 6.45 10.14
N SER C 78 23.41 5.77 10.76
CA SER C 78 24.06 6.17 12.05
C SER C 78 24.73 7.54 11.87
N ARG C 79 25.62 7.65 10.88
CA ARG C 79 26.43 8.86 10.60
C ARG C 79 26.09 9.36 9.19
N PRO C 80 25.85 10.68 9.00
CA PRO C 80 25.63 11.23 7.66
C PRO C 80 26.76 10.81 6.70
N VAL C 81 26.44 10.65 5.42
CA VAL C 81 27.38 10.19 4.35
C VAL C 81 27.15 11.05 3.11
N ARG C 82 28.21 11.46 2.43
CA ARG C 82 28.11 12.20 1.15
C ARG C 82 28.23 11.19 -0.01
N LEU C 83 27.48 11.43 -1.10
CA LEU C 83 27.42 10.54 -2.29
C LEU C 83 28.75 10.60 -3.03
N PRO C 84 29.00 9.71 -4.03
CA PRO C 84 30.30 9.61 -4.68
C PRO C 84 30.46 10.55 -5.88
N HIS D 5 5.63 13.59 -14.50
CA HIS D 5 6.20 14.39 -13.35
C HIS D 5 6.37 15.87 -13.74
N SER D 6 5.43 16.40 -14.54
CA SER D 6 5.39 17.81 -15.02
C SER D 6 5.29 18.76 -13.82
N LEU D 7 4.61 18.33 -12.75
CA LEU D 7 4.32 19.14 -11.53
C LEU D 7 5.26 18.75 -10.38
N GLN D 8 5.70 17.48 -10.32
CA GLN D 8 6.47 16.94 -9.15
C GLN D 8 7.93 17.43 -9.20
N ASP D 9 8.65 17.11 -10.27
CA ASP D 9 10.11 17.36 -10.39
C ASP D 9 10.41 18.84 -10.25
N PRO D 10 9.63 19.76 -10.85
CA PRO D 10 9.78 21.19 -10.55
C PRO D 10 9.52 21.50 -9.07
N TYR D 11 8.35 21.12 -8.56
CA TYR D 11 7.89 21.50 -7.20
C TYR D 11 8.92 21.05 -6.16
N LEU D 12 9.76 20.05 -6.48
CA LEU D 12 10.83 19.57 -5.58
C LEU D 12 12.14 20.29 -5.92
N ASN D 13 12.47 20.44 -7.21
CA ASN D 13 13.66 21.21 -7.68
C ASN D 13 13.60 22.61 -7.09
N THR D 14 12.43 23.25 -7.12
CA THR D 14 12.16 24.59 -6.54
C THR D 14 12.35 24.53 -5.02
N LEU D 15 11.87 23.45 -4.39
CA LEU D 15 11.96 23.23 -2.92
C LEU D 15 13.41 22.92 -2.53
N ARG D 16 14.13 22.22 -3.39
CA ARG D 16 15.52 21.71 -3.19
C ARG D 16 16.49 22.88 -3.30
N LYS D 17 16.47 23.58 -4.43
CA LYS D 17 17.41 24.69 -4.78
C LYS D 17 17.16 25.90 -3.88
N GLU D 18 15.91 26.17 -3.50
CA GLU D 18 15.54 27.32 -2.62
C GLU D 18 15.59 26.90 -1.14
N ARG D 19 16.03 25.68 -0.83
CA ARG D 19 16.25 25.13 0.55
C ARG D 19 15.08 25.47 1.48
N VAL D 20 13.84 25.30 1.01
CA VAL D 20 12.62 25.56 1.83
C VAL D 20 12.48 24.42 2.83
N PRO D 21 12.35 24.72 4.14
CA PRO D 21 12.00 23.71 5.14
C PRO D 21 10.60 23.10 4.88
N VAL D 22 10.53 21.79 4.68
CA VAL D 22 9.28 21.06 4.33
C VAL D 22 8.92 20.07 5.43
N SER D 23 7.63 20.00 5.78
CA SER D 23 6.99 18.86 6.46
C SER D 23 6.71 17.76 5.42
N ILE D 24 7.14 16.52 5.70
CA ILE D 24 6.70 15.33 4.92
C ILE D 24 5.83 14.49 5.86
N TYR D 25 4.53 14.44 5.57
CA TYR D 25 3.58 13.49 6.19
C TYR D 25 3.69 12.13 5.50
N LEU D 26 3.87 11.07 6.28
CA LEU D 26 3.88 9.68 5.78
C LEU D 26 2.46 9.10 5.89
N VAL D 27 2.11 8.22 4.96
CA VAL D 27 0.83 7.47 4.97
C VAL D 27 0.52 7.00 6.40
N ASN D 28 1.54 6.58 7.18
CA ASN D 28 1.36 5.96 8.51
C ASN D 28 1.21 7.02 9.60
N GLY D 29 1.22 8.31 9.25
CA GLY D 29 1.01 9.40 10.22
C GLY D 29 2.28 10.15 10.57
N ILE D 30 3.37 9.44 10.91
CA ILE D 30 4.61 10.10 11.45
C ILE D 30 5.01 11.20 10.48
N LYS D 31 5.34 12.38 11.02
CA LYS D 31 5.75 13.58 10.27
C LYS D 31 7.28 13.75 10.35
N LEU D 32 7.90 13.90 9.18
CA LEU D 32 9.32 14.28 9.00
C LEU D 32 9.36 15.79 8.73
N GLN D 33 10.39 16.48 9.22
CA GLN D 33 10.66 17.91 8.91
C GLN D 33 12.05 18.00 8.29
N GLY D 34 12.35 19.08 7.57
CA GLY D 34 13.71 19.38 7.09
C GLY D 34 13.73 19.76 5.62
N GLN D 35 14.93 19.96 5.07
CA GLN D 35 15.11 20.48 3.68
C GLN D 35 15.34 19.27 2.77
N ILE D 36 14.83 19.34 1.54
CA ILE D 36 15.09 18.34 0.47
C ILE D 36 16.51 18.61 -0.02
N GLU D 37 17.47 17.78 0.35
CA GLU D 37 18.85 17.86 -0.21
C GLU D 37 18.78 17.45 -1.68
N SER D 38 18.09 16.34 -1.95
CA SER D 38 18.14 15.62 -3.24
C SER D 38 17.02 14.56 -3.29
N PHE D 39 16.48 14.30 -4.48
CA PHE D 39 15.46 13.27 -4.74
C PHE D 39 15.71 12.66 -6.12
N ASP D 40 15.17 11.47 -6.36
CA ASP D 40 15.08 10.83 -7.70
C ASP D 40 13.62 10.40 -7.92
N GLN D 41 13.38 9.42 -8.80
CA GLN D 41 12.02 9.00 -9.23
C GLN D 41 11.26 8.32 -8.08
N PHE D 42 11.94 7.76 -7.07
CA PHE D 42 11.29 6.99 -5.96
C PHE D 42 11.59 7.53 -4.55
N VAL D 43 12.71 8.24 -4.35
CA VAL D 43 13.13 8.68 -2.98
C VAL D 43 13.41 10.18 -2.93
N ILE D 44 13.39 10.69 -1.70
CA ILE D 44 13.82 12.05 -1.30
C ILE D 44 14.90 11.88 -0.23
N LEU D 45 15.98 12.63 -0.32
CA LEU D 45 16.99 12.71 0.77
C LEU D 45 16.69 13.98 1.57
N LEU D 46 16.19 13.82 2.80
CA LEU D 46 15.77 14.93 3.69
C LEU D 46 16.83 15.07 4.78
N LYS D 47 17.56 16.20 4.80
CA LYS D 47 18.56 16.55 5.83
C LYS D 47 17.93 17.49 6.87
N ASN D 48 18.29 17.36 8.13
CA ASN D 48 17.63 18.12 9.21
C ASN D 48 18.60 18.28 10.37
N THR D 49 19.01 19.52 10.64
CA THR D 49 19.58 19.92 11.95
C THR D 49 18.43 19.88 12.97
N ALA D 50 18.67 19.25 14.12
CA ALA D 50 17.72 19.09 15.23
C ALA D 50 18.19 19.97 16.40
N GLU D 51 17.63 19.77 17.60
CA GLU D 51 18.03 20.49 18.82
C GLU D 51 17.99 19.48 19.97
N GLU D 52 19.15 19.07 20.49
CA GLU D 52 19.26 17.99 21.50
C GLU D 52 19.97 18.54 22.75
N ILE D 53 19.56 18.05 23.92
CA ILE D 53 20.24 18.25 25.23
C ILE D 53 21.08 17.01 25.51
N GLN D 54 22.38 17.15 25.67
CA GLN D 54 23.20 16.06 26.29
C GLN D 54 24.24 16.69 27.21
N ASN D 55 24.08 16.44 28.51
CA ASN D 55 24.98 16.91 29.61
C ASN D 55 24.82 18.42 29.74
N GLY D 56 23.58 18.90 29.70
CA GLY D 56 23.19 20.28 30.08
C GLY D 56 23.57 21.31 29.03
N GLU D 57 23.87 20.90 27.80
CA GLU D 57 24.20 21.83 26.69
C GLU D 57 23.37 21.50 25.46
N VAL D 58 22.69 22.51 24.92
CA VAL D 58 21.98 22.42 23.60
C VAL D 58 23.02 22.06 22.56
N VAL D 59 22.92 20.85 22.04
CA VAL D 59 23.79 20.40 20.92
C VAL D 59 22.88 20.17 19.73
N ARG D 60 23.33 20.49 18.53
CA ARG D 60 22.50 20.30 17.33
C ARG D 60 23.07 19.16 16.50
N LYS D 61 22.18 18.28 16.03
CA LYS D 61 22.50 17.07 15.23
C LYS D 61 21.90 17.22 13.83
N VAL D 62 22.72 17.04 12.81
CA VAL D 62 22.26 17.01 11.39
C VAL D 62 22.01 15.55 11.00
N VAL D 63 20.73 15.18 10.83
CA VAL D 63 20.29 13.81 10.46
C VAL D 63 19.83 13.84 9.00
N SER D 64 20.29 12.90 8.19
CA SER D 64 19.87 12.74 6.78
C SER D 64 19.24 11.35 6.62
N GLN D 65 18.01 11.30 6.10
CA GLN D 65 17.24 10.04 5.89
C GLN D 65 16.69 10.01 4.46
N MET D 66 16.99 8.94 3.72
CA MET D 66 16.36 8.63 2.40
C MET D 66 14.93 8.14 2.66
N VAL D 67 13.91 8.86 2.19
CA VAL D 67 12.49 8.53 2.49
C VAL D 67 11.77 8.15 1.19
N TYR D 68 11.36 6.87 1.08
CA TYR D 68 10.62 6.29 -0.07
C TYR D 68 9.34 7.10 -0.30
N LYS D 69 9.24 7.69 -1.50
CA LYS D 69 8.06 8.48 -1.95
C LYS D 69 6.78 7.71 -1.61
N HIS D 70 6.78 6.38 -1.77
CA HIS D 70 5.57 5.53 -1.68
C HIS D 70 5.05 5.43 -0.24
N ALA D 71 5.80 5.87 0.75
CA ALA D 71 5.34 5.96 2.15
C ALA D 71 4.92 7.39 2.48
N ILE D 72 4.94 8.29 1.49
CA ILE D 72 4.59 9.72 1.67
C ILE D 72 3.15 9.93 1.22
N SER D 73 2.39 10.66 2.03
CA SER D 73 1.02 11.10 1.69
C SER D 73 1.14 12.49 1.06
N THR D 74 1.54 13.47 1.87
CA THR D 74 1.51 14.91 1.55
C THR D 74 2.86 15.52 1.96
N VAL D 75 3.39 16.47 1.18
CA VAL D 75 4.56 17.31 1.56
C VAL D 75 4.11 18.77 1.65
N VAL D 76 4.14 19.37 2.85
CA VAL D 76 3.70 20.78 3.09
C VAL D 76 4.93 21.64 3.38
N PRO D 77 5.37 22.46 2.39
CA PRO D 77 6.38 23.50 2.62
C PRO D 77 6.02 24.56 3.67
N SER D 78 7.05 25.16 4.28
CA SER D 78 6.97 26.14 5.41
C SER D 78 6.47 27.50 4.89
N ARG D 79 6.80 27.84 3.65
CA ARG D 79 6.36 29.09 2.99
C ARG D 79 5.90 28.77 1.56
N PRO D 80 4.71 29.26 1.13
CA PRO D 80 4.27 29.11 -0.25
C PRO D 80 5.41 29.29 -1.26
N VAL D 81 5.46 28.46 -2.29
CA VAL D 81 6.52 28.51 -3.34
C VAL D 81 5.87 28.54 -4.73
N ARG D 82 6.60 29.05 -5.71
CA ARG D 82 6.18 29.07 -7.14
C ARG D 82 7.27 28.42 -8.00
N LEU D 83 6.88 27.98 -9.18
CA LEU D 83 7.76 27.36 -10.21
C LEU D 83 7.61 28.13 -11.52
N PRO D 84 8.53 27.96 -12.50
CA PRO D 84 8.38 28.59 -13.82
C PRO D 84 7.01 28.35 -14.47
N HIS E 5 4.53 -14.52 -13.52
CA HIS E 5 3.17 -15.16 -13.29
C HIS E 5 3.22 -16.69 -13.50
N SER E 6 4.41 -17.29 -13.66
CA SER E 6 4.63 -18.73 -13.97
C SER E 6 4.14 -19.62 -12.83
N LEU E 7 4.00 -19.09 -11.61
CA LEU E 7 3.39 -19.81 -10.46
C LEU E 7 1.96 -19.30 -10.19
N GLN E 8 1.73 -17.98 -10.17
CA GLN E 8 0.43 -17.39 -9.70
C GLN E 8 -0.74 -17.85 -10.57
N ASP E 9 -0.62 -17.76 -11.90
CA ASP E 9 -1.70 -18.10 -12.86
C ASP E 9 -2.03 -19.60 -12.74
N PRO E 10 -1.08 -20.52 -12.99
CA PRO E 10 -1.27 -21.94 -12.68
C PRO E 10 -1.98 -22.24 -11.35
N TYR E 11 -1.40 -21.76 -10.23
CA TYR E 11 -1.91 -21.99 -8.85
C TYR E 11 -3.36 -21.50 -8.77
N LEU E 12 -3.58 -20.27 -9.24
CA LEU E 12 -4.95 -19.70 -9.29
C LEU E 12 -5.84 -20.57 -10.17
N ASN E 13 -5.37 -20.93 -11.38
CA ASN E 13 -6.22 -21.55 -12.43
C ASN E 13 -6.73 -22.91 -11.95
N THR E 14 -5.93 -23.67 -11.19
CA THR E 14 -6.33 -25.02 -10.70
C THR E 14 -7.25 -24.88 -9.48
N LEU E 15 -7.08 -23.84 -8.65
CA LEU E 15 -8.03 -23.48 -7.57
C LEU E 15 -9.41 -23.23 -8.18
N ARG E 16 -9.44 -22.71 -9.42
CA ARG E 16 -10.65 -22.27 -10.16
C ARG E 16 -11.30 -23.48 -10.85
N LYS E 17 -10.48 -24.29 -11.54
CA LYS E 17 -10.90 -25.50 -12.32
C LYS E 17 -11.42 -26.59 -11.38
N GLU E 18 -10.78 -26.76 -10.22
CA GLU E 18 -11.13 -27.77 -9.20
C GLU E 18 -12.11 -27.20 -8.17
N ARG E 19 -12.68 -26.03 -8.45
CA ARG E 19 -13.61 -25.32 -7.53
C ARG E 19 -13.19 -25.55 -6.07
N VAL E 20 -11.91 -25.39 -5.76
CA VAL E 20 -11.43 -25.49 -4.35
C VAL E 20 -12.05 -24.34 -3.57
N PRO E 21 -12.77 -24.62 -2.47
CA PRO E 21 -13.05 -23.58 -1.47
C PRO E 21 -11.73 -22.92 -1.03
N VAL E 22 -11.62 -21.59 -1.14
CA VAL E 22 -10.41 -20.80 -0.75
C VAL E 22 -10.82 -19.78 0.31
N SER E 23 -9.94 -19.51 1.28
CA SER E 23 -10.02 -18.32 2.18
C SER E 23 -8.95 -17.29 1.76
N ILE E 24 -9.40 -16.10 1.35
CA ILE E 24 -8.55 -14.95 0.91
C ILE E 24 -8.42 -13.95 2.06
N TYR E 25 -7.22 -13.85 2.65
CA TYR E 25 -6.88 -12.85 3.70
C TYR E 25 -6.49 -11.54 3.02
N LEU E 26 -7.07 -10.43 3.46
CA LEU E 26 -6.82 -9.06 2.95
C LEU E 26 -5.76 -8.42 3.82
N VAL E 27 -4.94 -7.52 3.26
CA VAL E 27 -3.88 -6.80 4.01
C VAL E 27 -4.51 -6.15 5.24
N ASN E 28 -5.79 -5.77 5.16
CA ASN E 28 -6.49 -5.01 6.22
C ASN E 28 -6.97 -5.98 7.31
N GLY E 29 -6.86 -7.28 7.09
CA GLY E 29 -7.23 -8.31 8.08
C GLY E 29 -8.45 -9.12 7.68
N ILE E 30 -9.34 -8.56 6.83
CA ILE E 30 -10.60 -9.24 6.43
C ILE E 30 -10.24 -10.61 5.84
N LYS E 31 -10.94 -11.66 6.29
CA LYS E 31 -10.91 -13.02 5.69
C LYS E 31 -12.11 -13.12 4.74
N LEU E 32 -11.86 -13.39 3.46
CA LEU E 32 -12.89 -13.63 2.42
C LEU E 32 -12.88 -15.11 2.07
N GLN E 33 -14.01 -15.80 2.21
CA GLN E 33 -14.17 -17.22 1.85
C GLN E 33 -14.97 -17.27 0.55
N GLY E 34 -14.83 -18.36 -0.22
CA GLY E 34 -15.53 -18.55 -1.49
C GLY E 34 -14.72 -19.42 -2.41
N GLN E 35 -14.94 -19.31 -3.72
CA GLN E 35 -14.12 -20.02 -4.73
C GLN E 35 -13.92 -19.09 -5.93
N ILE E 36 -12.77 -19.26 -6.57
CA ILE E 36 -12.32 -18.42 -7.70
C ILE E 36 -13.19 -18.80 -8.90
N GLU E 37 -14.10 -17.91 -9.31
CA GLU E 37 -14.91 -18.10 -10.54
C GLU E 37 -14.03 -17.79 -11.73
N SER E 38 -13.48 -16.58 -11.74
CA SER E 38 -12.48 -16.09 -12.72
C SER E 38 -11.42 -15.26 -11.99
N PHE E 39 -10.35 -14.94 -12.71
CA PHE E 39 -9.25 -14.09 -12.20
C PHE E 39 -8.50 -13.47 -13.38
N ASP E 40 -7.96 -12.29 -13.11
CA ASP E 40 -7.32 -11.37 -14.07
C ASP E 40 -5.85 -11.26 -13.71
N GLN E 41 -5.14 -10.31 -14.30
CA GLN E 41 -3.78 -9.94 -13.86
C GLN E 41 -3.87 -9.21 -12.52
N PHE E 42 -4.95 -8.45 -12.27
CA PHE E 42 -5.11 -7.54 -11.10
C PHE E 42 -6.34 -7.88 -10.22
N VAL E 43 -7.30 -8.67 -10.70
CA VAL E 43 -8.50 -8.99 -9.86
C VAL E 43 -8.78 -10.50 -9.87
N ILE E 44 -9.35 -10.98 -8.76
CA ILE E 44 -9.97 -12.33 -8.63
C ILE E 44 -11.48 -12.10 -8.51
N LEU E 45 -12.28 -12.71 -9.39
CA LEU E 45 -13.75 -12.83 -9.19
C LEU E 45 -14.00 -14.03 -8.28
N LEU E 46 -14.46 -13.78 -7.05
CA LEU E 46 -14.63 -14.79 -5.98
C LEU E 46 -16.11 -14.96 -5.69
N LYS E 47 -16.64 -16.18 -5.87
CA LYS E 47 -18.06 -16.53 -5.62
C LYS E 47 -18.19 -17.24 -4.27
N ASN E 48 -19.15 -16.80 -3.45
CA ASN E 48 -19.43 -17.35 -2.10
C ASN E 48 -20.91 -17.70 -2.02
N THR E 49 -21.24 -18.92 -1.65
CA THR E 49 -22.63 -19.40 -1.41
C THR E 49 -22.83 -19.59 0.10
N ALA E 50 -23.52 -18.66 0.76
CA ALA E 50 -23.73 -18.71 2.22
C ALA E 50 -25.22 -18.88 2.54
N GLU E 51 -25.52 -19.53 3.66
CA GLU E 51 -26.91 -19.70 4.17
C GLU E 51 -27.29 -18.42 4.93
N GLU E 52 -28.48 -17.87 4.61
CA GLU E 52 -29.04 -16.65 5.25
C GLU E 52 -30.50 -16.92 5.62
N ILE E 53 -30.91 -16.41 6.79
CA ILE E 53 -32.28 -16.61 7.34
C ILE E 53 -33.24 -15.59 6.72
N GLN E 54 -34.25 -16.08 6.02
CA GLN E 54 -35.34 -15.27 5.43
C GLN E 54 -36.68 -15.82 5.92
N ASN E 55 -37.32 -15.13 6.86
CA ASN E 55 -38.73 -15.34 7.26
C ASN E 55 -38.90 -16.74 7.84
N GLY E 56 -38.02 -17.12 8.77
CA GLY E 56 -38.14 -18.38 9.55
C GLY E 56 -37.68 -19.62 8.79
N GLU E 57 -37.22 -19.48 7.55
CA GLU E 57 -36.59 -20.59 6.75
C GLU E 57 -35.18 -20.17 6.34
N VAL E 58 -34.31 -21.14 6.02
CA VAL E 58 -32.91 -20.86 5.57
C VAL E 58 -32.87 -20.87 4.03
N VAL E 59 -32.24 -19.87 3.45
CA VAL E 59 -32.01 -19.72 1.98
C VAL E 59 -30.50 -19.47 1.75
N ARG E 60 -29.90 -20.21 0.83
CA ARG E 60 -28.53 -19.93 0.32
C ARG E 60 -28.57 -18.58 -0.43
N LYS E 61 -27.72 -17.62 -0.05
CA LYS E 61 -27.45 -16.37 -0.82
C LYS E 61 -26.12 -16.54 -1.57
N VAL E 62 -26.15 -16.48 -2.91
CA VAL E 62 -24.93 -16.38 -3.76
C VAL E 62 -24.52 -14.91 -3.81
N VAL E 63 -23.25 -14.65 -3.52
CA VAL E 63 -22.59 -13.30 -3.55
C VAL E 63 -21.30 -13.45 -4.37
N SER E 64 -21.02 -12.52 -5.28
CA SER E 64 -19.82 -12.56 -6.14
C SER E 64 -19.07 -11.22 -6.08
N GLN E 65 -17.92 -11.19 -5.39
CA GLN E 65 -17.03 -10.01 -5.22
C GLN E 65 -15.93 -10.05 -6.28
N MET E 66 -15.61 -8.90 -6.86
CA MET E 66 -14.34 -8.70 -7.61
C MET E 66 -13.31 -8.17 -6.62
N VAL E 67 -12.37 -9.03 -6.24
CA VAL E 67 -11.30 -8.66 -5.28
C VAL E 67 -10.11 -8.17 -6.11
N TYR E 68 -9.55 -7.05 -5.68
CA TYR E 68 -8.27 -6.50 -6.17
C TYR E 68 -7.15 -7.32 -5.55
N LYS E 69 -6.23 -7.82 -6.38
CA LYS E 69 -5.09 -8.65 -5.90
C LYS E 69 -4.25 -7.84 -4.93
N HIS E 70 -4.08 -6.54 -5.19
CA HIS E 70 -3.16 -5.65 -4.44
C HIS E 70 -3.64 -5.42 -3.00
N ALA E 71 -4.85 -5.85 -2.65
CA ALA E 71 -5.41 -5.77 -1.29
C ALA E 71 -5.36 -7.12 -0.61
N ILE E 72 -4.93 -8.16 -1.35
CA ILE E 72 -4.85 -9.57 -0.85
C ILE E 72 -3.52 -9.72 -0.11
N SER E 73 -3.62 -10.12 1.15
CA SER E 73 -2.49 -10.62 1.97
C SER E 73 -2.03 -11.95 1.38
N THR E 74 -2.89 -12.97 1.50
CA THR E 74 -2.53 -14.39 1.34
C THR E 74 -3.77 -15.15 0.87
N VAL E 75 -3.58 -16.20 0.07
CA VAL E 75 -4.64 -17.08 -0.49
C VAL E 75 -4.46 -18.49 0.09
N VAL E 76 -5.33 -18.87 1.03
CA VAL E 76 -5.27 -20.16 1.78
C VAL E 76 -6.34 -21.10 1.22
N PRO E 77 -5.96 -22.08 0.37
CA PRO E 77 -6.89 -23.08 -0.14
C PRO E 77 -7.47 -23.98 0.96
N SER E 78 -8.68 -24.50 0.73
CA SER E 78 -9.42 -25.39 1.66
C SER E 78 -8.61 -26.67 1.89
N ARG E 79 -7.91 -27.12 0.85
CA ARG E 79 -7.13 -28.38 0.83
C ARG E 79 -5.91 -28.21 -0.07
N PRO E 80 -4.90 -29.11 0.04
CA PRO E 80 -3.79 -29.15 -0.92
C PRO E 80 -4.24 -29.15 -2.38
N VAL E 81 -3.38 -28.61 -3.25
CA VAL E 81 -3.62 -28.45 -4.71
C VAL E 81 -2.27 -28.56 -5.42
N ARG E 82 -2.10 -29.53 -6.31
CA ARG E 82 -0.83 -29.72 -7.06
C ARG E 82 -1.04 -29.28 -8.52
N LEU E 83 -0.14 -28.46 -9.05
CA LEU E 83 -0.22 -27.85 -10.41
C LEU E 83 0.34 -28.84 -11.44
N PRO E 84 0.26 -28.54 -12.76
CA PRO E 84 0.78 -29.44 -13.79
C PRO E 84 2.30 -29.72 -13.70
N HIS F 5 15.21 -7.85 -10.54
CA HIS F 5 15.66 -8.11 -9.12
C HIS F 5 16.72 -9.23 -9.11
N SER F 6 17.99 -8.81 -9.17
CA SER F 6 19.20 -9.67 -9.33
C SER F 6 19.66 -10.30 -8.00
N LEU F 7 19.05 -9.95 -6.86
CA LEU F 7 19.33 -10.52 -5.50
C LEU F 7 18.14 -11.37 -5.00
N GLN F 8 16.92 -10.85 -5.10
CA GLN F 8 15.68 -11.50 -4.60
C GLN F 8 15.57 -12.91 -5.19
N ASP F 9 15.81 -13.09 -6.49
CA ASP F 9 15.67 -14.42 -7.16
C ASP F 9 16.67 -15.40 -6.53
N PRO F 10 18.00 -15.17 -6.61
CA PRO F 10 18.95 -16.05 -5.95
C PRO F 10 18.45 -16.40 -4.55
N TYR F 11 18.21 -15.38 -3.71
CA TYR F 11 17.98 -15.52 -2.25
C TYR F 11 16.82 -16.50 -2.00
N LEU F 12 15.66 -16.23 -2.60
CA LEU F 12 14.49 -17.12 -2.48
C LEU F 12 14.87 -18.49 -3.04
N ASN F 13 15.29 -18.52 -4.30
CA ASN F 13 15.77 -19.75 -5.00
C ASN F 13 16.65 -20.55 -4.02
N THR F 14 17.65 -19.91 -3.40
CA THR F 14 18.51 -20.54 -2.35
C THR F 14 17.58 -21.11 -1.29
N LEU F 15 16.86 -20.25 -0.56
CA LEU F 15 16.01 -20.65 0.59
C LEU F 15 15.14 -21.87 0.20
N ARG F 16 14.56 -21.86 -1.00
CA ARG F 16 13.68 -22.94 -1.52
C ARG F 16 14.46 -24.24 -1.69
N LYS F 17 15.49 -24.26 -2.55
CA LYS F 17 16.19 -25.52 -2.92
C LYS F 17 16.82 -26.17 -1.67
N GLU F 18 17.37 -25.37 -0.74
CA GLU F 18 17.97 -25.85 0.54
C GLU F 18 16.91 -26.00 1.65
N ARG F 19 15.62 -25.88 1.31
CA ARG F 19 14.44 -26.08 2.20
C ARG F 19 14.63 -25.35 3.53
N VAL F 20 14.97 -24.06 3.48
CA VAL F 20 15.38 -23.25 4.67
C VAL F 20 14.12 -22.72 5.36
N PRO F 21 13.81 -23.18 6.59
CA PRO F 21 12.69 -22.61 7.34
C PRO F 21 12.80 -21.09 7.49
N VAL F 22 11.79 -20.33 7.03
CA VAL F 22 11.76 -18.83 7.03
C VAL F 22 10.54 -18.29 7.79
N SER F 23 10.67 -17.10 8.39
CA SER F 23 9.55 -16.23 8.80
C SER F 23 9.30 -15.14 7.75
N ILE F 24 8.10 -15.12 7.18
CA ILE F 24 7.57 -14.01 6.33
C ILE F 24 6.76 -13.08 7.24
N TYR F 25 7.30 -11.92 7.60
CA TYR F 25 6.56 -10.86 8.32
C TYR F 25 5.80 -10.00 7.30
N LEU F 26 4.49 -9.88 7.50
CA LEU F 26 3.59 -9.10 6.62
C LEU F 26 3.55 -7.66 7.15
N VAL F 27 3.25 -6.71 6.25
CA VAL F 27 3.12 -5.26 6.53
C VAL F 27 2.05 -5.04 7.60
N ASN F 28 0.96 -5.83 7.58
CA ASN F 28 -0.13 -5.76 8.59
C ASN F 28 0.34 -6.38 9.91
N GLY F 29 1.59 -6.84 9.97
CA GLY F 29 2.23 -7.33 11.21
C GLY F 29 2.12 -8.84 11.39
N ILE F 30 1.26 -9.52 10.63
CA ILE F 30 1.05 -11.01 10.73
C ILE F 30 2.36 -11.71 10.34
N LYS F 31 2.81 -12.69 11.13
CA LYS F 31 4.00 -13.53 10.84
C LYS F 31 3.53 -14.88 10.28
N LEU F 32 3.94 -15.17 9.05
CA LEU F 32 3.85 -16.52 8.45
C LEU F 32 5.16 -17.24 8.74
N GLN F 33 5.13 -18.57 8.74
CA GLN F 33 6.31 -19.46 8.94
C GLN F 33 6.28 -20.58 7.90
N GLY F 34 7.38 -21.32 7.78
CA GLY F 34 7.45 -22.52 6.93
C GLY F 34 8.50 -22.39 5.87
N GLN F 35 8.28 -23.06 4.74
CA GLN F 35 9.28 -23.30 3.67
C GLN F 35 8.73 -22.80 2.35
N ILE F 36 9.58 -22.20 1.53
CA ILE F 36 9.23 -21.75 0.15
C ILE F 36 9.29 -22.99 -0.73
N GLU F 37 8.16 -23.64 -0.97
CA GLU F 37 8.07 -24.74 -1.96
C GLU F 37 8.34 -24.15 -3.35
N SER F 38 7.71 -23.03 -3.71
CA SER F 38 7.84 -22.34 -5.03
C SER F 38 7.65 -20.83 -4.90
N PHE F 39 7.93 -20.11 -5.99
CA PHE F 39 7.72 -18.65 -6.12
C PHE F 39 7.84 -18.22 -7.58
N ASP F 40 7.35 -17.01 -7.85
CA ASP F 40 7.40 -16.30 -9.15
C ASP F 40 7.73 -14.83 -8.83
N GLN F 41 7.42 -13.90 -9.74
CA GLN F 41 7.80 -12.47 -9.57
C GLN F 41 6.91 -11.80 -8.54
N PHE F 42 5.66 -12.23 -8.37
CA PHE F 42 4.66 -11.52 -7.54
C PHE F 42 4.21 -12.33 -6.31
N VAL F 43 4.43 -13.65 -6.27
CA VAL F 43 3.94 -14.47 -5.13
C VAL F 43 4.99 -15.49 -4.66
N ILE F 44 4.88 -15.85 -3.37
CA ILE F 44 5.57 -16.98 -2.70
C ILE F 44 4.50 -18.04 -2.44
N LEU F 45 4.82 -19.31 -2.71
CA LEU F 45 4.05 -20.47 -2.21
C LEU F 45 4.74 -20.95 -0.92
N LEU F 46 4.04 -20.87 0.22
CA LEU F 46 4.64 -21.09 1.56
C LEU F 46 3.90 -22.22 2.29
N LYS F 47 4.58 -23.36 2.52
CA LYS F 47 4.01 -24.54 3.22
C LYS F 47 4.52 -24.55 4.66
N ASN F 48 3.60 -24.69 5.63
CA ASN F 48 3.87 -24.84 7.08
C ASN F 48 3.20 -26.12 7.56
N THR F 49 3.94 -27.01 8.23
CA THR F 49 3.48 -28.36 8.65
C THR F 49 3.50 -28.43 10.18
N ALA F 50 2.94 -27.42 10.85
CA ALA F 50 2.84 -27.30 12.33
C ALA F 50 2.00 -28.45 12.91
N GLU F 51 2.26 -28.81 14.18
CA GLU F 51 1.47 -29.82 14.94
C GLU F 51 0.14 -29.20 15.38
N GLU F 52 -0.82 -30.02 15.79
CA GLU F 52 -2.20 -29.59 16.19
C GLU F 52 -2.79 -30.65 17.12
N ILE F 53 -3.68 -30.24 18.04
CA ILE F 53 -4.35 -31.15 19.02
C ILE F 53 -5.79 -31.36 18.54
N GLN F 54 -6.11 -32.55 18.03
CA GLN F 54 -7.46 -32.92 17.52
C GLN F 54 -8.05 -34.03 18.40
N ASN F 55 -8.88 -33.62 19.38
CA ASN F 55 -9.66 -34.50 20.30
C ASN F 55 -8.70 -35.28 21.20
N GLY F 56 -7.61 -34.64 21.67
CA GLY F 56 -6.69 -35.17 22.69
C GLY F 56 -5.57 -36.03 22.12
N GLU F 57 -5.19 -35.80 20.86
CA GLU F 57 -4.00 -36.45 20.22
C GLU F 57 -3.31 -35.48 19.27
N VAL F 58 -2.04 -35.77 18.95
CA VAL F 58 -1.10 -34.87 18.22
C VAL F 58 -1.14 -35.18 16.72
N VAL F 59 -1.89 -34.37 15.97
CA VAL F 59 -1.95 -34.39 14.47
C VAL F 59 -1.04 -33.28 13.94
N ARG F 60 -0.47 -33.47 12.75
CA ARG F 60 0.39 -32.44 12.10
C ARG F 60 -0.29 -32.04 10.79
N LYS F 61 -0.66 -30.75 10.67
CA LYS F 61 -1.48 -30.18 9.56
C LYS F 61 -0.55 -29.44 8.57
N VAL F 62 -0.58 -29.81 7.28
CA VAL F 62 0.25 -29.17 6.21
C VAL F 62 -0.65 -28.33 5.30
N VAL F 63 -0.94 -27.09 5.71
CA VAL F 63 -1.61 -26.05 4.88
C VAL F 63 -0.52 -25.32 4.06
N SER F 64 -0.75 -25.17 2.75
CA SER F 64 0.14 -24.41 1.83
C SER F 64 -0.67 -23.24 1.26
N GLN F 65 -0.16 -22.02 1.43
CA GLN F 65 -0.87 -20.76 1.10
C GLN F 65 -0.01 -19.93 0.16
N MET F 66 -0.64 -19.32 -0.85
CA MET F 66 0.06 -18.38 -1.76
C MET F 66 0.00 -17.00 -1.13
N VAL F 67 1.16 -16.40 -0.91
CA VAL F 67 1.27 -15.07 -0.23
C VAL F 67 1.86 -14.09 -1.24
N TYR F 68 1.16 -12.97 -1.44
CA TYR F 68 1.50 -11.90 -2.40
C TYR F 68 2.75 -11.19 -1.87
N LYS F 69 3.80 -11.10 -2.71
CA LYS F 69 5.06 -10.40 -2.35
C LYS F 69 4.74 -9.00 -1.82
N HIS F 70 3.76 -8.33 -2.43
CA HIS F 70 3.46 -6.89 -2.15
C HIS F 70 2.92 -6.71 -0.73
N ALA F 71 2.63 -7.80 0.00
CA ALA F 71 2.08 -7.75 1.38
C ALA F 71 3.14 -8.18 2.40
N ILE F 72 4.26 -8.73 1.93
CA ILE F 72 5.47 -9.08 2.74
C ILE F 72 6.23 -7.78 3.02
N SER F 73 6.63 -7.58 4.28
CA SER F 73 7.57 -6.50 4.69
C SER F 73 9.00 -7.05 4.74
N THR F 74 9.19 -8.25 5.28
CA THR F 74 10.54 -8.84 5.51
C THR F 74 10.47 -10.38 5.48
N VAL F 75 11.58 -11.01 5.06
CA VAL F 75 11.75 -12.49 4.94
C VAL F 75 13.02 -12.88 5.72
N VAL F 76 12.87 -13.27 7.00
CA VAL F 76 13.99 -13.56 7.94
C VAL F 76 14.09 -15.07 8.15
N PRO F 77 15.03 -15.74 7.44
CA PRO F 77 15.29 -17.17 7.64
C PRO F 77 15.90 -17.53 9.01
N SER F 78 15.76 -18.82 9.34
CA SER F 78 16.12 -19.46 10.63
C SER F 78 17.63 -19.60 10.72
N ARG F 79 18.30 -19.67 9.57
CA ARG F 79 19.78 -19.76 9.44
C ARG F 79 20.21 -18.92 8.24
N PRO F 80 21.31 -18.14 8.34
CA PRO F 80 21.78 -17.37 7.19
C PRO F 80 22.27 -18.36 6.12
N VAL F 81 22.32 -17.93 4.86
CA VAL F 81 22.82 -18.72 3.69
C VAL F 81 23.28 -17.75 2.61
N ARG F 82 24.13 -18.20 1.69
CA ARG F 82 24.58 -17.36 0.56
C ARG F 82 24.31 -18.05 -0.78
N LEU F 83 24.34 -17.22 -1.82
CA LEU F 83 23.89 -17.47 -3.21
C LEU F 83 25.00 -18.18 -3.99
N PRO F 84 24.73 -18.64 -5.25
CA PRO F 84 25.78 -19.24 -6.08
C PRO F 84 26.85 -18.23 -6.50
#